data_4JFJ
#
_entry.id   4JFJ
#
_cell.length_a   42.337
_cell.length_b   54.407
_cell.length_c   56.556
_cell.angle_alpha   90.000
_cell.angle_beta   90.000
_cell.angle_gamma   90.000
#
_symmetry.space_group_name_H-M   'P 21 21 21'
#
loop_
_entity.id
_entity.type
_entity.pdbx_description
1 polymer 'Peptidyl-prolyl cis-trans isomerase FKBP5'
2 non-polymer (1S,6R)-10-(1,3-benzothiazol-6-ylsulfonyl)-3-[2-(3,4-dimethoxyphenoxy)ethyl]-3,10-diazabicyclo[4.3.1]decan-2-one
3 water water
#
_entity_poly.entity_id   1
_entity_poly.type   'polypeptide(L)'
_entity_poly.pdbx_seq_one_letter_code
;GAPATVTEQGEDITSKKDRGVLKIVKRVGNGEETPMIGDKVYVHYKGKLSNGKKFDSSHDRNEPFVFSLGKGQVIKAWDI
GVATMKKGEICHLLCKPEYAYGSAGSLPKIPSNATLFFEIELLDFKGE
;
_entity_poly.pdbx_strand_id   A
#
loop_
_chem_comp.id
_chem_comp.type
_chem_comp.name
_chem_comp.formula
1KU non-polymer (1S,6R)-10-(1,3-benzothiazol-6-ylsulfonyl)-3-[2-(3,4-dimethoxyphenoxy)ethyl]-3,10-diazabicyclo[4.3.1]decan-2-one 'C25 H29 N3 O6 S2'
#
# COMPACT_ATOMS: atom_id res chain seq x y z
N GLY A 1 3.17 16.58 8.00
CA GLY A 1 3.17 16.20 6.56
C GLY A 1 2.25 15.02 6.34
N ALA A 2 2.30 14.46 5.14
CA ALA A 2 1.37 13.40 4.78
C ALA A 2 1.46 12.18 5.71
N PRO A 3 2.69 11.72 6.10
CA PRO A 3 2.74 10.59 7.02
C PRO A 3 2.06 10.85 8.36
N ALA A 4 2.28 12.03 8.94
CA ALA A 4 1.59 12.39 10.17
C ALA A 4 0.07 12.40 9.98
N THR A 5 -0.37 12.95 8.85
CA THR A 5 -1.80 13.07 8.59
C THR A 5 -2.48 11.71 8.49
N VAL A 6 -1.89 10.75 7.77
CA VAL A 6 -2.51 9.43 7.72
C VAL A 6 -2.42 8.71 9.07
N THR A 7 -1.34 8.95 9.83
CA THR A 7 -1.24 8.38 11.17
C THR A 7 -2.41 8.83 12.06
N GLU A 8 -2.70 10.13 12.00
CA GLU A 8 -3.66 10.76 12.90
C GLU A 8 -5.10 10.78 12.37
N GLN A 9 -5.28 10.68 11.06
CA GLN A 9 -6.58 10.89 10.41
C GLN A 9 -6.96 9.76 9.48
N GLY A 10 -6.18 8.68 9.42
CA GLY A 10 -6.46 7.58 8.53
C GLY A 10 -7.50 6.62 9.07
N GLU A 11 -8.05 5.82 8.17
N GLU A 11 -8.06 5.81 8.18
CA GLU A 11 -9.05 4.81 8.49
CA GLU A 11 -9.06 4.84 8.58
C GLU A 11 -8.39 3.44 8.64
C GLU A 11 -8.45 3.44 8.62
N ASP A 12 -8.71 2.74 9.71
CA ASP A 12 -8.25 1.37 9.90
C ASP A 12 -8.99 0.45 8.95
N ILE A 13 -8.24 -0.19 8.05
CA ILE A 13 -8.80 -1.09 7.05
C ILE A 13 -8.48 -2.55 7.35
N THR A 14 -7.94 -2.85 8.53
CA THR A 14 -7.64 -4.22 8.89
C THR A 14 -8.90 -4.96 9.32
N SER A 15 -8.95 -6.26 9.04
CA SER A 15 -10.03 -7.10 9.55
C SER A 15 -9.99 -7.24 11.07
N LYS A 16 -8.80 -7.23 11.65
CA LYS A 16 -8.65 -7.33 13.11
C LYS A 16 -8.99 -6.04 13.84
N LYS A 17 -9.04 -4.92 13.13
N LYS A 17 -9.05 -4.93 13.11
CA LYS A 17 -9.24 -3.59 13.73
CA LYS A 17 -9.22 -3.59 13.69
C LYS A 17 -8.17 -3.29 14.78
C LYS A 17 -8.18 -3.35 14.78
N ASP A 18 -6.93 -3.56 14.40
CA ASP A 18 -5.79 -3.36 15.28
C ASP A 18 -4.95 -2.15 14.87
N ARG A 19 -5.50 -1.32 13.98
CA ARG A 19 -4.86 -0.11 13.48
C ARG A 19 -3.51 -0.34 12.81
N GLY A 20 -3.30 -1.55 12.30
CA GLY A 20 -2.02 -1.90 11.68
C GLY A 20 -1.82 -1.34 10.28
N VAL A 21 -2.93 -1.01 9.62
CA VAL A 21 -2.92 -0.44 8.28
C VAL A 21 -3.98 0.66 8.26
N LEU A 22 -3.54 1.89 8.09
CA LEU A 22 -4.41 3.07 8.02
C LEU A 22 -4.37 3.63 6.61
N LYS A 23 -5.51 4.10 6.13
CA LYS A 23 -5.65 4.57 4.75
C LYS A 23 -6.36 5.92 4.65
N ILE A 24 -5.90 6.75 3.72
CA ILE A 24 -6.64 7.93 3.25
C ILE A 24 -6.73 7.84 1.74
N VAL A 25 -7.92 8.03 1.21
CA VAL A 25 -8.12 8.13 -0.25
C VAL A 25 -7.81 9.56 -0.64
N LYS A 26 -6.80 9.72 -1.49
CA LYS A 26 -6.35 11.02 -1.97
C LYS A 26 -7.01 11.43 -3.30
N ARG A 27 -7.14 10.48 -4.21
CA ARG A 27 -7.90 10.71 -5.44
C ARG A 27 -8.87 9.57 -5.61
N VAL A 28 -10.15 9.93 -5.75
CA VAL A 28 -11.20 8.97 -5.95
C VAL A 28 -11.03 8.36 -7.34
N GLY A 29 -11.10 7.04 -7.40
CA GLY A 29 -11.04 6.31 -8.66
C GLY A 29 -12.39 6.10 -9.34
N ASN A 30 -12.44 5.12 -10.22
CA ASN A 30 -13.55 4.96 -11.16
C ASN A 30 -14.51 3.85 -10.76
N GLY A 31 -15.79 4.19 -10.71
CA GLY A 31 -16.82 3.21 -10.44
C GLY A 31 -16.77 2.67 -9.03
N GLU A 32 -17.22 1.43 -8.87
N GLU A 32 -17.21 1.43 -8.88
CA GLU A 32 -17.32 0.80 -7.56
CA GLU A 32 -17.32 0.79 -7.58
C GLU A 32 -16.54 -0.52 -7.45
C GLU A 32 -16.35 -0.38 -7.43
N GLU A 33 -15.93 -0.98 -8.55
CA GLU A 33 -15.27 -2.28 -8.50
C GLU A 33 -13.83 -2.20 -8.00
N THR A 34 -13.49 -3.09 -7.08
CA THR A 34 -12.13 -3.28 -6.60
C THR A 34 -11.61 -4.60 -7.19
N PRO A 35 -10.29 -4.79 -7.21
CA PRO A 35 -9.76 -6.02 -7.80
C PRO A 35 -10.17 -7.26 -7.01
N MET A 36 -10.08 -8.42 -7.62
N MET A 36 -10.03 -8.39 -7.68
CA MET A 36 -10.28 -9.62 -6.84
CA MET A 36 -10.30 -9.73 -7.16
C MET A 36 -9.00 -10.40 -6.70
C MET A 36 -8.99 -10.45 -6.77
N ILE A 37 -9.05 -11.29 -5.74
CA ILE A 37 -7.94 -12.18 -5.43
C ILE A 37 -7.44 -12.84 -6.71
N GLY A 38 -6.12 -12.81 -6.87
CA GLY A 38 -5.49 -13.41 -8.02
C GLY A 38 -5.37 -12.51 -9.21
N ASP A 39 -5.99 -11.34 -9.21
CA ASP A 39 -5.87 -10.43 -10.34
C ASP A 39 -4.44 -9.93 -10.44
N LYS A 40 -4.01 -9.70 -11.68
CA LYS A 40 -2.77 -8.99 -11.96
C LYS A 40 -3.05 -7.51 -11.76
N VAL A 41 -2.38 -6.90 -10.80
CA VAL A 41 -2.57 -5.50 -10.47
C VAL A 41 -1.30 -4.73 -10.86
N TYR A 42 -1.52 -3.52 -11.38
CA TYR A 42 -0.46 -2.63 -11.84
C TYR A 42 -0.56 -1.38 -11.00
N VAL A 43 0.50 -1.04 -10.28
CA VAL A 43 0.51 0.13 -9.42
C VAL A 43 1.73 1.00 -9.67
N HIS A 44 1.58 2.29 -9.39
CA HIS A 44 2.74 3.16 -9.13
C HIS A 44 2.76 3.48 -7.65
N TYR A 45 3.95 3.61 -7.10
CA TYR A 45 4.08 3.88 -5.68
C TYR A 45 5.36 4.57 -5.33
N LYS A 46 5.35 5.18 -4.14
CA LYS A 46 6.55 5.69 -3.49
C LYS A 46 6.43 5.29 -2.02
N GLY A 47 7.56 4.89 -1.42
CA GLY A 47 7.62 4.54 -0.01
C GLY A 47 8.62 5.39 0.75
N LYS A 48 8.25 5.75 1.97
CA LYS A 48 9.09 6.51 2.89
C LYS A 48 9.17 5.82 4.24
N LEU A 49 10.36 5.88 4.84
CA LEU A 49 10.56 5.45 6.22
C LEU A 49 10.11 6.56 7.18
N SER A 50 9.99 6.20 8.45
N SER A 50 9.99 6.19 8.45
CA SER A 50 9.59 7.16 9.48
CA SER A 50 9.62 7.13 9.51
C SER A 50 10.69 8.19 9.80
C SER A 50 10.68 8.19 9.76
N ASN A 51 11.90 7.98 9.28
CA ASN A 51 12.95 9.01 9.35
C ASN A 51 12.93 9.99 8.16
N GLY A 52 11.91 9.87 7.31
CA GLY A 52 11.72 10.79 6.19
C GLY A 52 12.37 10.33 4.88
N LYS A 53 13.21 9.31 4.94
CA LYS A 53 13.93 8.86 3.74
C LYS A 53 13.02 8.10 2.79
N LYS A 54 13.05 8.48 1.51
CA LYS A 54 12.43 7.67 0.46
C LYS A 54 13.24 6.37 0.37
N PHE A 55 12.58 5.22 0.35
CA PHE A 55 13.29 3.96 0.15
C PHE A 55 12.96 3.27 -1.17
N ASP A 56 11.94 3.72 -1.88
CA ASP A 56 11.57 3.10 -3.15
C ASP A 56 10.60 3.99 -3.90
N SER A 57 10.61 3.85 -5.23
CA SER A 57 9.66 4.53 -6.09
C SER A 57 9.62 3.83 -7.45
N SER A 58 8.43 3.42 -7.87
CA SER A 58 8.26 2.91 -9.24
C SER A 58 8.34 4.04 -10.27
N HIS A 59 7.89 5.23 -9.92
N HIS A 59 7.88 5.23 -9.93
CA HIS A 59 7.94 6.36 -10.82
CA HIS A 59 7.94 6.35 -10.87
C HIS A 59 9.37 6.57 -11.33
C HIS A 59 9.37 6.58 -11.34
N ASP A 60 10.32 6.45 -10.42
CA ASP A 60 11.71 6.70 -10.74
C ASP A 60 12.28 5.61 -11.68
N ARG A 61 11.61 4.47 -11.78
CA ARG A 61 11.99 3.39 -12.68
C ARG A 61 11.29 3.46 -14.04
N ASN A 62 10.33 4.37 -14.19
CA ASN A 62 9.57 4.48 -15.44
C ASN A 62 8.83 3.20 -15.82
N GLU A 63 8.38 2.44 -14.83
CA GLU A 63 7.56 1.27 -15.10
C GLU A 63 6.78 0.96 -13.83
N PRO A 64 5.57 0.44 -13.98
CA PRO A 64 4.75 0.11 -12.83
C PRO A 64 5.27 -1.14 -12.14
N PHE A 65 4.81 -1.34 -10.91
CA PHE A 65 5.04 -2.57 -10.17
C PHE A 65 3.82 -3.46 -10.35
N VAL A 66 4.06 -4.72 -10.69
CA VAL A 66 3.00 -5.63 -11.07
C VAL A 66 3.06 -6.85 -10.14
N PHE A 67 1.91 -7.25 -9.59
CA PHE A 67 1.86 -8.44 -8.75
C PHE A 67 0.47 -9.05 -8.81
N SER A 68 0.33 -10.26 -8.30
N SER A 68 0.35 -10.27 -8.28
CA SER A 68 -0.97 -10.92 -8.23
CA SER A 68 -0.92 -10.97 -8.17
C SER A 68 -1.52 -10.72 -6.83
C SER A 68 -1.51 -10.69 -6.80
N LEU A 69 -2.72 -10.13 -6.77
CA LEU A 69 -3.32 -9.71 -5.50
C LEU A 69 -3.70 -10.87 -4.58
N GLY A 70 -3.40 -10.71 -3.30
CA GLY A 70 -3.89 -11.64 -2.30
C GLY A 70 -3.13 -12.94 -2.19
N LYS A 71 -1.89 -12.95 -2.68
CA LYS A 71 -1.06 -14.13 -2.73
C LYS A 71 0.21 -14.03 -1.90
N GLY A 72 0.37 -12.98 -1.09
CA GLY A 72 1.59 -12.80 -0.30
C GLY A 72 2.83 -12.54 -1.12
N GLN A 73 2.66 -11.96 -2.32
CA GLN A 73 3.80 -11.53 -3.15
C GLN A 73 4.33 -10.18 -2.73
N VAL A 74 3.60 -9.51 -1.85
CA VAL A 74 3.91 -8.22 -1.31
C VAL A 74 3.62 -8.26 0.19
N ILE A 75 4.02 -7.21 0.91
CA ILE A 75 3.71 -7.14 2.34
C ILE A 75 2.20 -7.18 2.58
N LYS A 76 1.81 -7.63 3.76
N LYS A 76 1.81 -7.63 3.76
CA LYS A 76 0.42 -7.80 4.09
CA LYS A 76 0.42 -7.80 4.09
C LYS A 76 -0.37 -6.50 3.90
C LYS A 76 -0.37 -6.50 3.89
N ALA A 77 0.22 -5.37 4.28
CA ALA A 77 -0.48 -4.09 4.15
C ALA A 77 -0.87 -3.79 2.72
N TRP A 78 -0.05 -4.21 1.76
CA TRP A 78 -0.36 -4.01 0.36
C TRP A 78 -1.46 -4.94 -0.14
N ASP A 79 -1.41 -6.21 0.23
CA ASP A 79 -2.50 -7.10 -0.16
C ASP A 79 -3.83 -6.56 0.40
N ILE A 80 -3.85 -6.13 1.65
CA ILE A 80 -5.05 -5.58 2.25
C ILE A 80 -5.43 -4.24 1.60
N GLY A 81 -4.48 -3.33 1.47
CA GLY A 81 -4.78 -1.98 0.99
C GLY A 81 -5.16 -1.92 -0.46
N VAL A 82 -4.39 -2.57 -1.34
CA VAL A 82 -4.70 -2.53 -2.76
C VAL A 82 -6.07 -3.17 -3.03
N ALA A 83 -6.43 -4.17 -2.25
CA ALA A 83 -7.75 -4.81 -2.38
C ALA A 83 -8.92 -3.83 -2.14
N THR A 84 -8.67 -2.71 -1.46
CA THR A 84 -9.71 -1.71 -1.21
C THR A 84 -9.81 -0.65 -2.30
N MET A 85 -8.90 -0.63 -3.26
CA MET A 85 -8.79 0.46 -4.21
C MET A 85 -9.60 0.25 -5.47
N LYS A 86 -10.05 1.36 -6.03
N LYS A 86 -10.11 1.34 -6.03
CA LYS A 86 -10.69 1.39 -7.34
CA LYS A 86 -10.72 1.33 -7.36
C LYS A 86 -9.66 1.77 -8.40
C LYS A 86 -9.66 1.72 -8.39
N LYS A 87 -9.92 1.40 -9.66
CA LYS A 87 -9.04 1.78 -10.75
C LYS A 87 -8.95 3.31 -10.81
N GLY A 88 -7.71 3.82 -10.90
CA GLY A 88 -7.48 5.25 -10.92
C GLY A 88 -7.34 5.92 -9.56
N GLU A 89 -7.59 5.17 -8.49
CA GLU A 89 -7.50 5.71 -7.15
C GLU A 89 -6.04 5.93 -6.78
N ILE A 90 -5.79 7.00 -6.02
CA ILE A 90 -4.53 7.20 -5.32
C ILE A 90 -4.86 7.22 -3.81
N CYS A 91 -4.11 6.47 -3.03
CA CYS A 91 -4.27 6.47 -1.58
C CYS A 91 -2.93 6.61 -0.87
N HIS A 92 -3.01 6.93 0.41
CA HIS A 92 -1.90 6.84 1.36
C HIS A 92 -2.17 5.71 2.31
N LEU A 93 -1.13 4.89 2.57
CA LEU A 93 -1.20 3.80 3.54
C LEU A 93 -0.10 3.96 4.57
N LEU A 94 -0.46 3.80 5.84
CA LEU A 94 0.49 3.82 6.95
C LEU A 94 0.48 2.42 7.53
N CYS A 95 1.64 1.76 7.49
CA CYS A 95 1.76 0.31 7.68
C CYS A 95 2.66 0.02 8.88
N LYS A 96 2.07 -0.50 9.96
CA LYS A 96 2.88 -0.91 11.10
C LYS A 96 3.71 -2.14 10.72
N PRO A 97 4.80 -2.41 11.45
CA PRO A 97 5.72 -3.45 11.01
C PRO A 97 5.11 -4.85 10.93
N GLU A 98 4.09 -5.13 11.73
CA GLU A 98 3.40 -6.42 11.69
C GLU A 98 2.70 -6.67 10.36
N TYR A 99 2.46 -5.61 9.61
CA TYR A 99 1.86 -5.71 8.27
C TYR A 99 2.88 -5.34 7.18
N ALA A 100 4.16 -5.30 7.56
CA ALA A 100 5.23 -4.94 6.64
C ALA A 100 6.40 -5.93 6.84
N TYR A 101 7.58 -5.47 7.25
CA TYR A 101 8.76 -6.32 7.33
C TYR A 101 9.12 -6.74 8.74
N GLY A 102 8.28 -6.43 9.71
CA GLY A 102 8.42 -6.96 11.06
C GLY A 102 9.76 -6.65 11.71
N SER A 103 10.20 -7.56 12.57
CA SER A 103 11.49 -7.42 13.24
C SER A 103 12.67 -7.68 12.29
N ALA A 104 12.44 -8.39 11.20
CA ALA A 104 13.54 -8.70 10.29
C ALA A 104 14.02 -7.46 9.54
N GLY A 105 13.09 -6.58 9.15
CA GLY A 105 13.43 -5.53 8.21
C GLY A 105 13.71 -6.11 6.84
N SER A 106 14.29 -5.28 5.99
CA SER A 106 14.61 -5.67 4.62
C SER A 106 15.79 -4.86 4.09
N LEU A 107 16.92 -5.51 3.91
CA LEU A 107 18.07 -4.85 3.32
C LEU A 107 17.81 -4.32 1.91
N PRO A 108 18.49 -3.22 1.53
CA PRO A 108 19.46 -2.53 2.37
C PRO A 108 18.88 -1.39 3.18
N LYS A 109 17.62 -1.02 2.96
CA LYS A 109 17.10 0.25 3.46
C LYS A 109 16.08 0.20 4.60
N ILE A 110 15.41 -0.94 4.83
CA ILE A 110 14.29 -0.95 5.79
C ILE A 110 14.76 -1.57 7.10
N PRO A 111 14.78 -0.78 8.18
CA PRO A 111 15.27 -1.31 9.45
C PRO A 111 14.27 -2.24 10.11
N SER A 112 14.72 -2.88 11.18
CA SER A 112 13.84 -3.62 12.05
C SER A 112 12.72 -2.75 12.62
N ASN A 113 11.54 -3.34 12.75
CA ASN A 113 10.42 -2.71 13.46
C ASN A 113 10.00 -1.38 12.82
N ALA A 114 10.02 -1.33 11.48
CA ALA A 114 9.77 -0.07 10.76
C ALA A 114 8.29 0.12 10.39
N THR A 115 7.75 1.27 10.76
CA THR A 115 6.47 1.73 10.22
C THR A 115 6.75 2.42 8.89
N LEU A 116 5.99 2.05 7.87
CA LEU A 116 6.19 2.53 6.51
C LEU A 116 5.01 3.37 6.03
N PHE A 117 5.34 4.38 5.21
CA PHE A 117 4.36 5.21 4.52
C PHE A 117 4.45 4.94 3.03
N PHE A 118 3.30 4.73 2.40
CA PHE A 118 3.24 4.61 0.94
C PHE A 118 2.20 5.55 0.36
N GLU A 119 2.50 6.07 -0.83
CA GLU A 119 1.50 6.63 -1.74
C GLU A 119 1.38 5.62 -2.89
N ILE A 120 0.17 5.16 -3.18
CA ILE A 120 -0.08 4.11 -4.18
C ILE A 120 -1.18 4.57 -5.13
N GLU A 121 -0.92 4.40 -6.42
CA GLU A 121 -1.89 4.62 -7.48
C GLU A 121 -2.22 3.27 -8.12
N LEU A 122 -3.50 2.90 -8.14
CA LEU A 122 -3.93 1.67 -8.80
C LEU A 122 -4.18 2.00 -10.27
N LEU A 123 -3.28 1.55 -11.14
CA LEU A 123 -3.35 1.89 -12.56
C LEU A 123 -4.39 1.01 -13.28
N ASP A 124 -4.37 -0.28 -12.98
CA ASP A 124 -5.20 -1.24 -13.69
C ASP A 124 -5.21 -2.54 -12.92
N PHE A 125 -6.24 -3.34 -13.17
CA PHE A 125 -6.29 -4.70 -12.67
C PHE A 125 -6.97 -5.58 -13.70
N LYS A 126 -6.49 -6.81 -13.83
CA LYS A 126 -7.10 -7.73 -14.78
C LYS A 126 -7.00 -9.15 -14.28
N GLY A 127 -8.02 -9.96 -14.55
CA GLY A 127 -7.92 -11.40 -14.30
C GLY A 127 -7.06 -12.02 -15.38
N GLU A 128 -6.41 -13.13 -15.06
CA GLU A 128 -5.60 -13.87 -16.03
C GLU A 128 -6.36 -15.07 -16.58
C 1KU B . 7.04 -5.71 -1.18
C 1KU B . 7.13 -5.79 -1.21
N 1KU B . 8.13 -3.54 -1.56
N 1KU B . 8.27 -3.65 -1.52
O 1KU B . 6.23 -6.43 -0.63
O 1KU B . 6.30 -6.52 -0.67
CA 1KU B . 6.95 -4.21 -0.94
CA 1KU B . 7.08 -4.29 -0.92
CB 1KU B . 5.60 -3.72 -1.48
CB 1KU B . 5.74 -3.73 -1.42
CAA 1KU B . 7.88 -9.25 4.69
CAA 1KU B . 7.90 -10.77 4.57
OAB 1KU B . 7.01 -10.21 4.10
OAB 1KU B . 6.77 -10.08 4.02
CAC 1KU B . 6.98 -10.13 2.75
CAC 1KU B . 6.85 -10.08 2.67
CAD 1KU B . 7.94 -9.39 2.06
CAD 1KU B . 7.76 -9.25 2.03
CAE 1KU B . 5.99 -10.81 2.05
CAE 1KU B . 6.03 -10.91 1.92
OAF 1KU B . 5.06 -11.53 2.76
OAF 1KU B . 5.12 -11.72 2.54
CAG 1KU B . 4.75 -12.76 2.11
CAG 1KU B . 5.81 -12.85 3.10
CAH 1KU B . 5.97 -10.73 0.67
CAH 1KU B . 6.12 -10.90 0.53
CAI 1KU B . 6.92 -9.98 -0.02
CAI 1KU B . 7.03 -10.07 -0.11
CAJ 1KU B . 7.91 -9.30 0.68
CAJ 1KU B . 7.86 -9.24 0.64
OAK 1KU B . 8.88 -8.54 0.06
OAK 1KU B . 8.77 -8.40 0.05
CAL 1KU B . 8.96 -8.61 -1.38
CAL 1KU B . 8.96 -8.65 -1.35
CAM 1KU B . 7.84 -7.84 -2.08
CAM 1KU B . 7.91 -7.89 -2.19
NAN 1KU B . 7.94 -6.37 -1.94
NAN 1KU B . 8.01 -6.44 -1.99
CAQ 1KU B . 9.01 -5.66 -2.67
CAQ 1KU B . 9.07 -5.72 -2.71
CAR 1KU B . 8.41 -4.69 -3.70
CAR 1KU B . 8.47 -4.71 -3.69
CAS 1KU B . 8.07 -3.35 -3.04
CAS 1KU B . 8.19 -3.39 -2.99
CAT 1KU B . 6.70 -2.89 -3.55
CAT 1KU B . 6.84 -2.85 -3.44
CAU 1KU B . 5.61 -3.80 -2.99
CAU 1KU B . 5.72 -3.74 -2.93
SAY 1KU B . 8.68 -2.20 -0.71
SAY 1KU B . 8.72 -2.30 -0.67
OAZ 1KU B . 8.15 -2.24 0.67
OAZ 1KU B . 8.18 -2.37 0.72
OBA 1KU B . 8.35 -0.92 -1.43
OBA 1KU B . 8.21 -1.07 -1.36
CBB 1KU B . 10.42 -2.42 -0.70
CBB 1KU B . 10.46 -2.26 -0.66
CBC 1KU B . 11.18 -1.76 -1.65
CBC 1KU B . 11.27 -3.16 0.03
CBD 1KU B . 12.56 -1.91 -1.69
CBD 1KU B . 12.66 -3.04 -0.04
SBE 1KU B . 13.75 -1.25 -2.69
SBE 1KU B . 13.93 -3.91 0.63
CBF 1KU B . 15.06 -2.03 -1.94
CBF 1KU B . 15.18 -2.99 -0.01
NBG 1KU B . 14.55 -2.78 -0.95
NBG 1KU B . 14.62 -2.03 -0.75
CBH 1KU B . 13.22 -2.74 -0.77
CBH 1KU B . 13.27 -2.02 -0.78
CBI 1KU B . 12.43 -3.41 0.17
CBI 1KU B . 12.44 -1.13 -1.46
CBJ 1KU B . 11.05 -3.25 0.20
CBJ 1KU B . 11.06 -1.25 -1.39
#